data_1X9T
#
_entry.id   1X9T
#
_cell.length_a   438.370
_cell.length_b   299.825
_cell.length_c   419.583
_cell.angle_alpha   90.00
_cell.angle_beta   103.22
_cell.angle_gamma   90.00
#
_symmetry.space_group_name_H-M   'C 1 2 1'
#
loop_
_entity.id
_entity.type
_entity.pdbx_description
1 polymer 'Penton protein'
2 polymer 'N-terminal peptide of Fiber protein'
3 non-polymer N-DODECYL-N,N-DIMETHYL-3-AMMONIO-1-PROPANESULFONATE
#
loop_
_entity_poly.entity_id
_entity_poly.type
_entity_poly.pdbx_seq_one_letter_code
_entity_poly.pdbx_strand_id
1 'polypeptide(L)'
;TGGRNSIRYSELAPLFDTTRVYLVDNKSTDVASLNYQNDHSNFLTTVIQNNDYSPGEASTQTINLDDRSHWGGDLKTILH
TNMPNVNEFMFTNKFKARVMVSRSLTKDKQVELKYEWVEFTLPEGNYSETMTIDLMNNAIVEHYLKVGRQNGVLESDIGV
KFDTRNFRLGFDPVTGLVMPGVYTNEAFHPDIILLPGCGVDFTHSRLSNLLGIRKRQPFQEGFRITYDDLEGGNIPALLD
VDAYQASLKDDTEQGGDGAGGGNNSGSGAEENSNAAAAAMQPVEDMNDHAIRGDTFATRAEEKRAEAEAAAEAAAPAAQP
EVEKPQKKPVIKPLTEDSKKRSYNLISNDSTFTQYRSWYLAYNYGDPQTGIRSWTLLCTPDVTCGSEQVYWSLPDMMQDP
VTFRSTSQISNFPVVGAELLPVHSKSFYNDQAVYSQLIRQFTSLTHVFNRFPENQILARPPAPTITTVSENVPALTDHGT
LPLRNSIGGVQRVTITDARRRTCPYVYKALGIVSPRVLSSRTF
;
A
2 'polypeptide(L)' MKRARPSEDTFNPVYPYDTEC B
#
loop_
_chem_comp.id
_chem_comp.type
_chem_comp.name
_chem_comp.formula
C15 non-polymer N-DODECYL-N,N-DIMETHYL-3-AMMONIO-1-PROPANESULFONATE 'C17 H38 N O3 S 1'
#
# COMPACT_ATOMS: atom_id res chain seq x y z
N ARG A 4 -19.61 -49.83 -9.04
CA ARG A 4 -19.38 -49.04 -10.29
C ARG A 4 -18.96 -47.57 -9.98
N ASN A 5 -19.59 -47.01 -8.96
CA ASN A 5 -19.40 -45.62 -8.57
C ASN A 5 -19.83 -45.41 -7.12
N SER A 6 -19.44 -46.31 -6.23
CA SER A 6 -19.80 -46.20 -4.83
C SER A 6 -19.02 -45.11 -4.11
N ILE A 7 -19.20 -45.03 -2.80
CA ILE A 7 -18.53 -44.08 -1.94
C ILE A 7 -18.74 -44.71 -0.59
N ARG A 8 -17.73 -45.43 -0.12
CA ARG A 8 -17.85 -46.14 1.14
C ARG A 8 -17.13 -45.51 2.30
N TYR A 9 -17.63 -45.77 3.50
CA TYR A 9 -17.04 -45.27 4.72
C TYR A 9 -17.12 -46.31 5.81
N SER A 10 -16.02 -46.49 6.56
CA SER A 10 -15.95 -47.48 7.65
C SER A 10 -17.09 -48.44 7.50
N GLU A 11 -18.04 -48.35 8.43
CA GLU A 11 -19.17 -49.23 8.40
C GLU A 11 -20.45 -48.40 8.44
N LEU A 12 -20.85 -47.93 7.28
CA LEU A 12 -22.09 -47.18 7.11
C LEU A 12 -22.58 -47.58 5.74
N ALA A 13 -23.86 -47.37 5.50
CA ALA A 13 -24.42 -47.72 4.20
C ALA A 13 -23.61 -47.05 3.10
N PRO A 14 -23.38 -47.77 2.00
CA PRO A 14 -22.62 -47.14 0.92
C PRO A 14 -23.47 -46.07 0.27
N LEU A 15 -22.83 -45.00 -0.19
CA LEU A 15 -23.51 -43.91 -0.86
C LEU A 15 -23.10 -43.90 -2.30
N PHE A 16 -23.97 -43.42 -3.17
CA PHE A 16 -23.63 -43.43 -4.59
C PHE A 16 -23.74 -42.12 -5.32
N ASP A 17 -22.87 -41.98 -6.32
CA ASP A 17 -22.85 -40.85 -7.22
C ASP A 17 -22.29 -39.55 -6.76
N THR A 18 -22.45 -39.22 -5.49
CA THR A 18 -21.92 -37.96 -5.02
C THR A 18 -22.33 -37.68 -3.59
N THR A 19 -21.72 -36.67 -3.01
CA THR A 19 -22.01 -36.31 -1.64
C THR A 19 -21.17 -35.11 -1.29
N ARG A 20 -20.91 -34.88 -0.01
CA ARG A 20 -20.12 -33.71 0.36
C ARG A 20 -19.20 -33.92 1.52
N VAL A 21 -17.94 -33.53 1.36
CA VAL A 21 -16.98 -33.64 2.43
C VAL A 21 -16.77 -32.20 2.80
N TYR A 22 -16.69 -31.90 4.09
CA TYR A 22 -16.52 -30.51 4.45
C TYR A 22 -15.20 -30.18 5.12
N LEU A 23 -14.52 -29.16 4.59
CA LEU A 23 -13.27 -28.73 5.17
C LEU A 23 -13.60 -27.50 5.98
N VAL A 24 -13.47 -27.60 7.30
CA VAL A 24 -13.80 -26.46 8.15
C VAL A 24 -12.93 -26.36 9.40
N ASP A 25 -12.49 -25.15 9.72
CA ASP A 25 -11.63 -24.90 10.89
C ASP A 25 -12.31 -24.95 12.27
N ASN A 26 -13.44 -24.26 12.37
CA ASN A 26 -14.26 -24.16 13.58
C ASN A 26 -14.45 -25.34 14.50
N LYS A 27 -14.74 -26.53 13.95
CA LYS A 27 -14.99 -27.74 14.77
C LYS A 27 -14.39 -27.65 16.18
N SER A 28 -15.20 -27.86 17.21
CA SER A 28 -14.71 -27.73 18.57
C SER A 28 -13.62 -28.73 18.98
N THR A 29 -13.78 -29.98 18.58
CA THR A 29 -12.84 -31.05 18.90
C THR A 29 -11.41 -30.89 18.42
N ASP A 30 -11.27 -30.78 17.10
CA ASP A 30 -9.98 -30.64 16.43
C ASP A 30 -9.17 -29.39 16.84
N VAL A 31 -9.85 -28.27 17.03
CA VAL A 31 -9.20 -27.04 17.45
C VAL A 31 -8.44 -27.34 18.72
N ALA A 32 -9.14 -27.96 19.65
CA ALA A 32 -8.57 -28.34 20.94
C ALA A 32 -7.27 -29.12 20.70
N SER A 33 -7.41 -30.31 20.11
CA SER A 33 -6.27 -31.16 19.82
C SER A 33 -5.39 -30.66 18.67
N LEU A 34 -5.69 -31.13 17.47
CA LEU A 34 -4.95 -30.80 16.25
C LEU A 34 -4.23 -29.45 16.13
N ASN A 35 -4.85 -28.50 15.43
CA ASN A 35 -4.25 -27.18 15.26
C ASN A 35 -4.10 -26.65 16.66
N TYR A 36 -3.22 -25.69 16.83
CA TYR A 36 -3.01 -25.10 18.13
C TYR A 36 -2.02 -24.07 17.77
N GLN A 37 -0.87 -24.54 17.36
CA GLN A 37 0.19 -23.66 16.97
C GLN A 37 -0.01 -23.20 15.53
N ASN A 38 -1.18 -23.51 14.98
CA ASN A 38 -1.48 -23.12 13.60
C ASN A 38 -2.42 -21.91 13.57
N ASP A 39 -2.85 -21.52 12.38
CA ASP A 39 -3.77 -20.40 12.22
C ASP A 39 -4.66 -20.61 10.99
N HIS A 40 -5.67 -19.78 10.81
CA HIS A 40 -6.58 -19.95 9.68
C HIS A 40 -5.93 -19.75 8.32
N SER A 41 -4.91 -20.52 8.02
CA SER A 41 -4.27 -20.33 6.74
C SER A 41 -3.34 -21.49 6.61
N ASN A 42 -3.35 -22.32 7.63
CA ASN A 42 -2.52 -23.48 7.62
C ASN A 42 -3.02 -24.27 8.79
N PHE A 43 -4.02 -25.11 8.56
CA PHE A 43 -4.58 -25.88 9.65
C PHE A 43 -5.00 -27.26 9.25
N LEU A 44 -5.30 -28.07 10.25
CA LEU A 44 -5.74 -29.42 9.98
C LEU A 44 -7.20 -29.45 10.33
N THR A 45 -7.91 -30.43 9.83
CA THR A 45 -9.32 -30.55 10.14
C THR A 45 -9.71 -31.97 9.81
N THR A 46 -10.67 -32.50 10.54
CA THR A 46 -11.09 -33.86 10.28
C THR A 46 -12.22 -33.75 9.28
N VAL A 47 -12.23 -34.61 8.29
CA VAL A 47 -13.29 -34.57 7.32
C VAL A 47 -14.36 -35.53 7.78
N ILE A 48 -14.00 -36.37 8.72
CA ILE A 48 -14.91 -37.37 9.27
C ILE A 48 -16.31 -36.92 9.62
N GLN A 49 -16.46 -35.90 10.45
CA GLN A 49 -17.82 -35.46 10.79
C GLN A 49 -18.69 -36.51 11.51
N ASN A 50 -18.08 -37.54 12.10
CA ASN A 50 -18.88 -38.53 12.83
C ASN A 50 -18.64 -38.31 14.29
N ASN A 51 -19.72 -37.96 14.99
CA ASN A 51 -19.70 -37.67 16.41
C ASN A 51 -18.90 -38.61 17.31
N ASP A 52 -18.90 -39.92 17.06
CA ASP A 52 -18.11 -40.84 17.90
C ASP A 52 -16.69 -40.69 17.41
N TYR A 53 -15.78 -41.53 17.87
CA TYR A 53 -14.40 -41.46 17.40
C TYR A 53 -13.60 -40.21 17.74
N SER A 54 -12.54 -40.42 18.49
CA SER A 54 -11.66 -39.36 18.91
C SER A 54 -10.92 -38.84 17.69
N PRO A 55 -10.88 -37.51 17.52
CA PRO A 55 -10.16 -37.01 16.35
C PRO A 55 -8.81 -37.69 16.46
N GLY A 56 -8.11 -37.83 15.35
CA GLY A 56 -6.84 -38.54 15.43
C GLY A 56 -7.22 -39.99 15.18
N GLU A 57 -8.01 -40.57 16.07
CA GLU A 57 -8.45 -41.94 15.83
C GLU A 57 -9.31 -41.85 14.58
N ALA A 58 -9.80 -40.64 14.32
CA ALA A 58 -10.61 -40.38 13.16
C ALA A 58 -9.61 -40.49 12.03
N SER A 59 -8.48 -39.82 12.22
CA SER A 59 -7.42 -39.80 11.25
C SER A 59 -7.14 -41.17 10.65
N THR A 60 -7.43 -42.22 11.40
CA THR A 60 -7.20 -43.55 10.86
C THR A 60 -8.16 -43.86 9.74
N GLN A 61 -9.44 -43.57 9.96
CA GLN A 61 -10.47 -43.84 8.97
C GLN A 61 -10.24 -43.14 7.65
N THR A 62 -11.04 -43.50 6.66
CA THR A 62 -10.90 -42.89 5.34
C THR A 62 -12.17 -42.98 4.54
N ILE A 63 -12.39 -41.97 3.73
CA ILE A 63 -13.52 -41.93 2.85
C ILE A 63 -13.01 -42.51 1.55
N ASN A 64 -13.61 -43.59 1.07
CA ASN A 64 -13.15 -44.21 -0.18
C ASN A 64 -14.06 -43.99 -1.35
N LEU A 65 -13.56 -43.34 -2.39
CA LEU A 65 -14.39 -43.14 -3.56
C LEU A 65 -14.09 -44.36 -4.41
N ASP A 66 -15.14 -45.06 -4.83
CA ASP A 66 -14.98 -46.28 -5.62
C ASP A 66 -13.68 -46.24 -6.39
N ASP A 67 -12.97 -47.35 -6.32
CA ASP A 67 -11.70 -47.48 -6.95
C ASP A 67 -11.74 -47.57 -8.47
N ARG A 68 -12.76 -48.24 -8.99
CA ARG A 68 -12.86 -48.42 -10.42
C ARG A 68 -13.04 -47.16 -11.27
N SER A 69 -13.17 -45.99 -10.66
CA SER A 69 -13.36 -44.77 -11.44
C SER A 69 -12.47 -43.63 -10.98
N HIS A 70 -12.13 -42.70 -11.87
CA HIS A 70 -11.32 -41.54 -11.48
C HIS A 70 -12.31 -40.48 -11.04
N TRP A 71 -12.21 -40.05 -9.80
CA TRP A 71 -13.13 -39.05 -9.32
C TRP A 71 -12.60 -37.65 -9.38
N GLY A 72 -13.50 -36.70 -9.17
CA GLY A 72 -13.14 -35.30 -9.17
C GLY A 72 -14.13 -34.63 -8.24
N GLY A 73 -13.84 -33.43 -7.77
CA GLY A 73 -14.79 -32.77 -6.88
C GLY A 73 -14.87 -31.28 -7.12
N ASP A 74 -16.06 -30.70 -7.01
CA ASP A 74 -16.22 -29.27 -7.19
C ASP A 74 -15.76 -28.68 -5.90
N LEU A 75 -14.99 -27.60 -5.96
CA LEU A 75 -14.48 -27.01 -4.74
C LEU A 75 -14.82 -25.56 -4.62
N LYS A 76 -15.85 -25.22 -3.86
CA LYS A 76 -16.14 -23.80 -3.69
C LYS A 76 -15.68 -23.49 -2.30
N THR A 77 -15.20 -22.27 -2.10
CA THR A 77 -14.70 -21.91 -0.79
C THR A 77 -15.19 -20.56 -0.35
N ILE A 78 -15.09 -20.35 0.95
CA ILE A 78 -15.52 -19.11 1.56
C ILE A 78 -14.32 -18.55 2.29
N LEU A 79 -13.73 -17.50 1.73
CA LEU A 79 -12.56 -16.91 2.35
C LEU A 79 -12.87 -15.52 2.87
N HIS A 80 -12.38 -15.20 4.07
CA HIS A 80 -12.62 -13.88 4.66
C HIS A 80 -11.44 -13.40 5.46
N THR A 81 -10.93 -12.24 5.08
CA THR A 81 -9.80 -11.68 5.80
C THR A 81 -10.15 -10.42 6.56
N ASN A 82 -9.12 -9.61 6.79
CA ASN A 82 -9.29 -8.36 7.52
C ASN A 82 -7.90 -7.78 7.67
N MET A 83 -7.23 -7.69 6.53
CA MET A 83 -5.90 -7.18 6.49
C MET A 83 -5.91 -5.68 6.33
N PRO A 84 -5.03 -5.01 7.07
CA PRO A 84 -4.86 -3.57 7.08
C PRO A 84 -4.21 -2.97 5.87
N ASN A 85 -4.77 -1.83 5.51
CA ASN A 85 -4.30 -1.03 4.40
C ASN A 85 -2.79 -1.01 4.48
N VAL A 86 -2.32 -0.53 5.63
CA VAL A 86 -0.91 -0.41 5.84
C VAL A 86 -0.35 -1.32 6.90
N ASN A 87 0.38 -2.33 6.49
CA ASN A 87 0.97 -3.21 7.48
C ASN A 87 2.34 -3.71 7.06
N GLU A 88 3.02 -4.34 8.00
CA GLU A 88 4.37 -4.81 7.74
C GLU A 88 4.51 -5.98 6.80
N PHE A 89 3.62 -6.96 6.94
CA PHE A 89 3.69 -8.14 6.11
C PHE A 89 3.49 -7.87 4.63
N MET A 90 2.61 -6.94 4.30
CA MET A 90 2.36 -6.63 2.90
C MET A 90 3.33 -5.63 2.33
N PHE A 91 4.20 -5.08 3.18
CA PHE A 91 5.19 -4.12 2.73
C PHE A 91 4.56 -2.78 2.42
N THR A 92 3.80 -2.25 3.37
CA THR A 92 3.18 -0.97 3.15
C THR A 92 3.42 -0.09 4.34
N ASN A 93 4.32 -0.50 5.22
CA ASN A 93 4.59 0.29 6.40
C ASN A 93 5.98 0.90 6.40
N LYS A 94 6.74 0.67 5.34
CA LYS A 94 8.09 1.22 5.27
C LYS A 94 8.30 1.88 3.93
N PHE A 95 9.37 2.66 3.81
CA PHE A 95 9.69 3.32 2.55
C PHE A 95 10.92 4.18 2.75
N LYS A 96 11.90 3.96 1.89
CA LYS A 96 13.16 4.70 1.95
C LYS A 96 13.06 6.02 1.20
N ALA A 97 13.70 7.03 1.77
CA ALA A 97 13.75 8.37 1.18
C ALA A 97 15.06 8.97 1.62
N ARG A 98 15.58 9.89 0.82
CA ARG A 98 16.83 10.54 1.18
C ARG A 98 16.59 11.95 1.63
N VAL A 99 17.00 12.26 2.85
CA VAL A 99 16.78 13.60 3.37
C VAL A 99 18.07 14.26 3.81
N MET A 100 17.97 15.54 4.15
CA MET A 100 19.14 16.24 4.61
C MET A 100 19.35 15.93 6.07
N VAL A 101 20.59 15.62 6.41
CA VAL A 101 20.95 15.30 7.77
C VAL A 101 21.61 16.47 8.48
N SER A 102 22.58 17.12 7.83
CA SER A 102 23.28 18.24 8.44
C SER A 102 23.59 19.43 7.54
N ARG A 103 23.46 20.61 8.14
CA ARG A 103 23.73 21.89 7.48
C ARG A 103 24.83 22.49 8.32
N SER A 104 26.01 22.69 7.76
CA SER A 104 27.10 23.25 8.53
C SER A 104 27.92 24.40 7.92
N LEU A 105 28.60 25.12 8.80
CA LEU A 105 29.48 26.24 8.47
C LEU A 105 30.86 25.59 8.52
N THR A 106 31.52 25.42 7.37
CA THR A 106 32.81 24.73 7.39
C THR A 106 34.00 25.38 6.68
N LYS A 107 35.19 24.91 7.08
CA LYS A 107 36.49 25.35 6.58
C LYS A 107 36.48 26.79 6.08
N ASP A 108 36.14 27.68 7.00
CA ASP A 108 36.06 29.12 6.78
C ASP A 108 34.86 29.63 5.94
N LYS A 109 34.80 29.26 4.66
CA LYS A 109 33.72 29.74 3.77
C LYS A 109 32.70 28.74 3.16
N GLN A 110 33.03 27.45 3.23
CA GLN A 110 32.17 26.40 2.69
C GLN A 110 30.84 26.13 3.44
N VAL A 111 29.80 25.83 2.67
CA VAL A 111 28.47 25.48 3.20
C VAL A 111 28.44 23.97 2.97
N GLU A 112 28.59 23.18 4.02
CA GLU A 112 28.62 21.74 3.85
C GLU A 112 27.28 21.06 4.11
N LEU A 113 26.68 20.55 3.03
CA LEU A 113 25.41 19.84 3.09
C LEU A 113 25.64 18.34 3.03
N LYS A 114 25.17 17.64 4.06
CA LYS A 114 25.30 16.20 4.10
C LYS A 114 23.92 15.54 4.06
N TYR A 115 23.72 14.74 3.02
CA TYR A 115 22.46 14.02 2.81
C TYR A 115 22.67 12.53 3.01
N GLU A 116 21.61 11.82 3.42
CA GLU A 116 21.70 10.38 3.62
C GLU A 116 20.33 9.69 3.44
N TRP A 117 20.37 8.41 3.07
CA TRP A 117 19.14 7.65 2.89
C TRP A 117 18.71 7.11 4.21
N VAL A 118 17.41 7.04 4.41
CA VAL A 118 16.91 6.50 5.65
C VAL A 118 15.53 5.95 5.44
N GLU A 119 15.22 4.87 6.14
CA GLU A 119 13.95 4.19 6.02
C GLU A 119 12.97 4.50 7.14
N PHE A 120 11.89 5.19 6.81
CA PHE A 120 10.90 5.53 7.83
C PHE A 120 9.80 4.50 7.82
N THR A 121 9.20 4.26 8.99
CA THR A 121 8.13 3.28 9.10
C THR A 121 6.84 3.93 9.56
N LEU A 122 5.73 3.28 9.25
CA LEU A 122 4.43 3.79 9.64
C LEU A 122 3.77 2.85 10.62
N PRO A 123 2.84 3.38 11.41
CA PRO A 123 2.13 2.59 12.41
C PRO A 123 0.95 1.82 11.78
N GLU A 124 1.16 0.53 11.58
CA GLU A 124 0.16 -0.32 10.97
C GLU A 124 -1.29 0.10 11.12
N GLY A 125 -2.11 -0.22 10.12
CA GLY A 125 -3.53 0.07 10.16
C GLY A 125 -4.02 1.24 9.33
N ASN A 126 -3.86 2.44 9.91
CA ASN A 126 -4.23 3.78 9.36
C ASN A 126 -4.57 3.92 7.87
N TYR A 127 -5.78 3.47 7.56
CA TYR A 127 -6.31 3.46 6.23
C TYR A 127 -6.45 4.83 5.56
N SER A 128 -7.28 4.88 4.53
CA SER A 128 -7.52 6.10 3.78
C SER A 128 -6.26 6.53 3.12
N GLU A 129 -6.36 7.02 1.89
CA GLU A 129 -5.14 7.40 1.23
C GLU A 129 -4.59 8.70 1.76
N THR A 130 -5.41 9.74 1.74
CA THR A 130 -4.93 11.03 2.19
C THR A 130 -4.21 10.90 3.49
N MET A 131 -4.87 10.35 4.48
CA MET A 131 -4.23 10.23 5.76
C MET A 131 -2.91 9.48 5.68
N THR A 132 -2.84 8.51 4.78
CA THR A 132 -1.62 7.73 4.63
C THR A 132 -0.52 8.65 4.18
N ILE A 133 -0.86 9.59 3.30
CA ILE A 133 0.12 10.52 2.82
C ILE A 133 0.63 11.24 4.05
N ASP A 134 -0.28 11.90 4.75
CA ASP A 134 0.04 12.64 5.96
C ASP A 134 0.98 11.88 6.88
N LEU A 135 0.65 10.62 7.15
CA LEU A 135 1.49 9.83 8.04
C LEU A 135 2.89 9.73 7.50
N MET A 136 3.01 9.73 6.18
CA MET A 136 4.33 9.68 5.56
C MET A 136 5.02 11.01 5.80
N ASN A 137 4.41 12.10 5.33
CA ASN A 137 5.01 13.40 5.55
C ASN A 137 5.44 13.54 6.99
N ASN A 138 4.58 13.11 7.91
CA ASN A 138 4.88 13.19 9.33
C ASN A 138 6.15 12.41 9.68
N ALA A 139 6.33 11.25 9.06
CA ALA A 139 7.50 10.47 9.36
C ALA A 139 8.76 11.16 8.87
N ILE A 140 8.65 11.95 7.81
CA ILE A 140 9.80 12.68 7.30
C ILE A 140 10.21 13.64 8.40
N VAL A 141 9.20 14.33 8.92
CA VAL A 141 9.36 15.29 10.00
C VAL A 141 9.92 14.62 11.25
N GLU A 142 9.17 13.67 11.81
CA GLU A 142 9.58 12.97 13.01
C GLU A 142 11.07 12.66 13.01
N HIS A 143 11.60 12.46 11.82
CA HIS A 143 13.02 12.16 11.68
C HIS A 143 13.82 13.44 11.84
N TYR A 144 13.40 14.49 11.14
CA TYR A 144 14.03 15.80 11.24
C TYR A 144 14.11 16.17 12.71
N LEU A 145 13.05 15.84 13.45
CA LEU A 145 13.01 16.13 14.87
C LEU A 145 14.06 15.39 15.66
N LYS A 146 14.53 14.26 15.15
CA LYS A 146 15.52 13.50 15.88
C LYS A 146 16.93 13.67 15.33
N VAL A 147 17.04 14.30 14.17
CA VAL A 147 18.36 14.48 13.59
C VAL A 147 18.54 15.83 12.92
N GLY A 148 17.58 16.18 12.09
CA GLY A 148 17.65 17.43 11.36
C GLY A 148 18.11 18.65 12.15
N ARG A 149 17.14 19.32 12.78
CA ARG A 149 17.44 20.53 13.54
C ARG A 149 18.73 20.44 14.34
N GLN A 150 18.87 19.40 15.16
CA GLN A 150 20.05 19.30 15.96
C GLN A 150 21.31 18.97 15.20
N ASN A 151 21.46 19.59 14.04
CA ASN A 151 22.63 19.37 13.21
C ASN A 151 22.62 20.40 12.10
N GLY A 152 21.98 21.53 12.40
CA GLY A 152 21.89 22.62 11.44
C GLY A 152 20.54 22.62 10.77
N VAL A 153 20.53 22.15 9.54
CA VAL A 153 19.34 22.06 8.70
C VAL A 153 18.03 22.67 9.24
N LEU A 154 17.61 23.75 8.59
CA LEU A 154 16.39 24.45 8.98
C LEU A 154 15.21 23.76 8.37
N GLU A 155 14.02 24.28 8.65
CA GLU A 155 12.79 23.74 8.10
C GLU A 155 12.83 24.15 6.63
N SER A 156 13.26 25.38 6.40
CA SER A 156 13.37 25.96 5.06
C SER A 156 13.92 24.96 4.06
N ASP A 157 14.83 24.11 4.51
CA ASP A 157 15.44 23.16 3.61
C ASP A 157 15.15 21.68 3.92
N ILE A 158 13.88 21.37 4.14
CA ILE A 158 13.46 20.00 4.41
C ILE A 158 13.29 19.31 3.08
N GLY A 159 14.08 18.28 2.83
CA GLY A 159 13.97 17.58 1.56
C GLY A 159 12.92 16.47 1.53
N VAL A 160 12.11 16.45 0.47
CA VAL A 160 11.09 15.42 0.35
C VAL A 160 9.78 15.63 1.08
N LYS A 161 8.72 15.83 0.33
CA LYS A 161 7.43 15.99 0.92
C LYS A 161 6.41 15.58 -0.10
N PHE A 162 5.48 14.72 0.33
CA PHE A 162 4.42 14.23 -0.54
C PHE A 162 3.28 15.21 -0.41
N ASP A 163 2.84 15.71 -1.56
CA ASP A 163 1.77 16.68 -1.63
C ASP A 163 0.79 16.07 -2.61
N THR A 164 -0.19 16.86 -3.03
CA THR A 164 -1.20 16.38 -3.96
C THR A 164 -1.81 17.49 -4.80
N ARG A 165 -1.06 18.54 -5.11
CA ARG A 165 -1.65 19.60 -5.91
C ARG A 165 -0.82 20.02 -7.09
N ASN A 166 -1.45 20.81 -7.95
CA ASN A 166 -0.81 21.27 -9.17
C ASN A 166 -0.15 22.62 -9.01
N PHE A 167 1.03 22.64 -8.42
CA PHE A 167 1.75 23.89 -8.23
C PHE A 167 2.00 24.44 -9.62
N ARG A 168 1.03 25.12 -10.19
CA ARG A 168 1.21 25.65 -11.53
C ARG A 168 -0.11 26.10 -12.07
N LEU A 169 -1.12 26.11 -11.24
CA LEU A 169 -2.39 26.55 -11.76
C LEU A 169 -2.41 28.05 -11.96
N GLY A 170 -1.94 28.79 -10.97
CA GLY A 170 -1.93 30.23 -11.10
C GLY A 170 -1.05 30.73 -12.25
N PHE A 171 0.14 30.14 -12.36
CA PHE A 171 1.13 30.47 -13.36
C PHE A 171 0.69 31.30 -14.56
N ASP A 172 1.47 32.34 -14.81
CA ASP A 172 1.28 33.28 -15.91
C ASP A 172 2.49 33.18 -16.83
N PRO A 173 2.29 32.77 -18.08
CA PRO A 173 3.36 32.62 -19.07
C PRO A 173 4.29 33.82 -19.27
N VAL A 174 3.89 35.00 -18.79
CA VAL A 174 4.72 36.18 -18.96
C VAL A 174 5.44 36.50 -17.65
N THR A 175 4.65 36.69 -16.61
CA THR A 175 5.15 36.97 -15.28
C THR A 175 6.17 35.95 -14.82
N GLY A 176 5.89 34.69 -15.09
CA GLY A 176 6.78 33.64 -14.65
C GLY A 176 6.43 33.34 -13.21
N LEU A 177 5.25 33.81 -12.79
CA LEU A 177 4.83 33.58 -11.41
C LEU A 177 3.38 33.17 -11.25
N VAL A 178 3.08 32.58 -10.09
CA VAL A 178 1.74 32.15 -9.76
C VAL A 178 1.01 33.37 -9.22
N MET A 179 0.57 34.22 -10.13
CA MET A 179 -0.11 35.47 -9.81
C MET A 179 -0.92 35.57 -8.53
N PRO A 180 -1.76 34.57 -8.24
CA PRO A 180 -2.59 34.56 -7.03
C PRO A 180 -1.85 34.74 -5.73
N GLY A 181 -0.54 34.51 -5.75
CA GLY A 181 0.26 34.66 -4.54
C GLY A 181 0.10 33.46 -3.63
N VAL A 182 -0.62 32.47 -4.14
CA VAL A 182 -0.89 31.26 -3.40
C VAL A 182 -0.99 30.09 -4.38
N TYR A 183 -0.40 28.95 -4.02
CA TYR A 183 -0.52 27.78 -4.89
C TYR A 183 -1.93 27.31 -4.69
N THR A 184 -2.75 27.51 -5.71
CA THR A 184 -4.16 27.13 -5.63
C THR A 184 -4.37 25.81 -4.91
N ASN A 185 -4.93 25.93 -3.70
CA ASN A 185 -5.17 24.82 -2.77
C ASN A 185 -6.15 23.71 -3.10
N GLU A 186 -6.09 23.17 -4.31
CA GLU A 186 -6.99 22.06 -4.62
C GLU A 186 -6.18 20.82 -4.98
N ALA A 187 -6.71 19.66 -4.58
CA ALA A 187 -6.03 18.38 -4.80
C ALA A 187 -6.33 17.69 -6.12
N PHE A 188 -5.27 17.33 -6.84
CA PHE A 188 -5.44 16.70 -8.14
C PHE A 188 -4.93 15.28 -8.22
N HIS A 189 -3.77 15.04 -7.64
CA HIS A 189 -3.18 13.72 -7.65
C HIS A 189 -1.98 13.69 -6.75
N PRO A 190 -1.70 12.56 -6.12
CA PRO A 190 -0.53 12.64 -5.27
C PRO A 190 0.74 12.79 -6.07
N ASP A 191 1.72 13.48 -5.53
CA ASP A 191 3.01 13.59 -6.19
C ASP A 191 4.00 13.82 -5.09
N ILE A 192 5.27 13.71 -5.42
CA ILE A 192 6.27 13.88 -4.39
C ILE A 192 7.21 15.00 -4.81
N ILE A 193 7.45 15.91 -3.88
CA ILE A 193 8.31 17.05 -4.12
C ILE A 193 9.68 16.87 -3.53
N LEU A 194 10.70 17.31 -4.25
CA LEU A 194 12.04 17.16 -3.75
C LEU A 194 12.88 18.41 -3.81
N LEU A 195 13.85 18.47 -2.90
CA LEU A 195 14.79 19.58 -2.85
C LEU A 195 16.08 19.10 -3.50
N PRO A 196 16.97 20.02 -3.85
CA PRO A 196 18.20 19.55 -4.47
C PRO A 196 18.82 18.46 -3.61
N GLY A 197 19.57 17.60 -4.27
CA GLY A 197 20.24 16.53 -3.56
C GLY A 197 19.49 15.39 -2.91
N CYS A 198 18.20 15.50 -2.65
CA CYS A 198 17.52 14.36 -2.03
C CYS A 198 16.55 13.60 -2.97
N GLY A 199 15.70 12.75 -2.40
CA GLY A 199 14.77 11.98 -3.22
C GLY A 199 14.22 10.76 -2.49
N VAL A 200 13.34 9.98 -3.14
CA VAL A 200 12.78 8.79 -2.49
C VAL A 200 12.97 7.49 -3.26
N ASP A 201 12.85 6.39 -2.55
CA ASP A 201 13.04 5.05 -3.12
C ASP A 201 11.94 4.09 -2.62
N PHE A 202 11.28 3.38 -3.52
CA PHE A 202 10.22 2.46 -3.10
C PHE A 202 10.55 1.02 -3.39
N THR A 203 11.74 0.78 -3.92
CA THR A 203 12.20 -0.55 -4.27
C THR A 203 11.60 -1.66 -3.41
N HIS A 204 11.42 -1.41 -2.13
CA HIS A 204 10.84 -2.42 -1.26
C HIS A 204 9.57 -1.91 -0.62
N SER A 205 8.62 -1.46 -1.41
CA SER A 205 7.38 -0.97 -0.85
C SER A 205 6.27 -0.80 -1.85
N ARG A 206 5.07 -1.16 -1.42
CA ARG A 206 3.92 -1.06 -2.29
C ARG A 206 3.27 0.31 -2.19
N LEU A 207 3.72 1.12 -1.22
CA LEU A 207 3.15 2.44 -1.05
C LEU A 207 3.22 3.19 -2.36
N SER A 208 4.22 2.87 -3.17
CA SER A 208 4.35 3.49 -4.47
C SER A 208 2.98 3.44 -5.13
N ASN A 209 2.44 2.23 -5.21
CA ASN A 209 1.14 2.03 -5.80
C ASN A 209 0.04 2.85 -5.15
N LEU A 210 0.26 3.27 -3.91
CA LEU A 210 -0.75 4.07 -3.22
C LEU A 210 -0.73 5.49 -3.73
N LEU A 211 0.47 5.98 -4.03
CA LEU A 211 0.62 7.33 -4.55
C LEU A 211 0.11 7.37 -5.98
N GLY A 212 0.10 6.21 -6.62
CA GLY A 212 -0.39 6.18 -7.99
C GLY A 212 0.71 6.56 -8.97
N ILE A 213 1.91 6.08 -8.70
CA ILE A 213 3.05 6.33 -9.55
C ILE A 213 3.74 5.00 -9.83
N ARG A 214 3.72 4.52 -11.07
CA ARG A 214 4.33 3.24 -11.38
C ARG A 214 5.35 3.32 -12.51
N LYS A 215 6.23 2.33 -12.59
CA LYS A 215 7.23 2.30 -13.65
C LYS A 215 6.56 1.79 -14.91
N ARG A 216 6.95 2.33 -16.05
CA ARG A 216 6.34 1.88 -17.29
C ARG A 216 6.95 0.54 -17.66
N GLN A 217 7.90 0.08 -16.86
CA GLN A 217 8.55 -1.22 -17.08
C GLN A 217 8.78 -1.91 -15.76
N PRO A 218 7.69 -2.31 -15.11
CA PRO A 218 7.55 -2.98 -13.84
C PRO A 218 8.60 -3.97 -13.41
N PHE A 219 8.85 -4.97 -14.25
CA PHE A 219 9.80 -6.00 -13.87
C PHE A 219 11.25 -5.62 -13.62
N GLN A 220 11.64 -4.40 -13.96
CA GLN A 220 13.02 -3.98 -13.70
C GLN A 220 13.15 -3.53 -12.25
N GLU A 221 13.18 -4.48 -11.32
CA GLU A 221 13.28 -4.15 -9.90
C GLU A 221 14.18 -2.95 -9.63
N GLY A 222 13.60 -1.89 -9.08
CA GLY A 222 14.40 -0.71 -8.79
C GLY A 222 13.71 0.63 -8.94
N PHE A 223 12.79 0.92 -8.03
CA PHE A 223 12.08 2.19 -8.07
C PHE A 223 12.77 3.28 -7.25
N ARG A 224 13.59 4.09 -7.93
CA ARG A 224 14.30 5.21 -7.30
C ARG A 224 13.99 6.48 -8.05
N ILE A 225 13.42 7.45 -7.37
CA ILE A 225 13.10 8.68 -8.04
C ILE A 225 13.86 9.87 -7.38
N THR A 226 15.00 10.23 -7.99
CA THR A 226 15.90 11.30 -7.53
C THR A 226 15.42 12.69 -7.88
N TYR A 227 15.98 13.69 -7.21
CA TYR A 227 15.66 15.07 -7.48
C TYR A 227 16.08 15.29 -8.91
N ASP A 228 17.28 14.83 -9.21
CA ASP A 228 17.83 14.96 -10.54
C ASP A 228 16.89 14.50 -11.65
N ASP A 229 16.08 13.49 -11.36
CA ASP A 229 15.16 12.95 -12.35
C ASP A 229 14.02 13.90 -12.68
N LEU A 230 13.50 14.55 -11.65
CA LEU A 230 12.42 15.49 -11.86
C LEU A 230 12.91 16.71 -12.64
N GLU A 231 13.49 16.48 -13.82
CA GLU A 231 13.99 17.60 -14.60
C GLU A 231 12.82 18.53 -14.87
N GLY A 232 13.02 19.51 -15.73
CA GLY A 232 11.97 20.47 -16.05
C GLY A 232 10.71 20.37 -15.21
N GLY A 233 10.41 21.39 -14.42
CA GLY A 233 9.21 21.29 -13.61
C GLY A 233 9.51 21.48 -12.13
N ASN A 234 10.07 22.64 -11.84
CA ASN A 234 10.38 22.99 -10.48
C ASN A 234 9.21 23.89 -10.17
N ILE A 235 8.62 23.74 -9.01
CA ILE A 235 7.52 24.60 -8.63
C ILE A 235 7.85 26.06 -8.85
N PRO A 236 7.07 26.77 -9.69
CA PRO A 236 7.30 28.19 -9.96
C PRO A 236 7.14 28.91 -8.64
N ALA A 237 7.43 30.22 -8.62
CA ALA A 237 7.29 31.00 -7.40
C ALA A 237 6.04 31.84 -7.35
N LEU A 238 5.77 32.37 -6.16
CA LEU A 238 4.58 33.18 -5.93
C LEU A 238 4.77 34.67 -6.17
N LEU A 239 3.75 35.30 -6.73
CA LEU A 239 3.80 36.75 -6.97
C LEU A 239 3.76 37.44 -5.61
N ASP A 240 4.45 38.57 -5.48
CA ASP A 240 4.41 39.27 -4.21
C ASP A 240 3.11 40.06 -4.25
N VAL A 241 2.00 39.35 -4.12
CA VAL A 241 0.69 39.97 -4.15
C VAL A 241 0.63 41.31 -3.41
N ASP A 242 1.21 41.37 -2.22
CA ASP A 242 1.21 42.60 -1.45
C ASP A 242 1.90 43.75 -2.18
N ALA A 243 3.17 43.56 -2.52
CA ALA A 243 3.95 44.57 -3.22
C ALA A 243 3.18 45.07 -4.44
N TYR A 244 2.95 44.19 -5.41
CA TYR A 244 2.23 44.52 -6.63
C TYR A 244 1.05 45.47 -6.38
N GLN A 245 0.08 45.01 -5.59
CA GLN A 245 -1.11 45.81 -5.29
C GLN A 245 -0.82 47.17 -4.66
N ALA A 246 -0.19 47.16 -3.50
CA ALA A 246 0.16 48.39 -2.80
C ALA A 246 0.85 49.35 -3.79
N SER A 247 1.72 48.79 -4.62
CA SER A 247 2.46 49.55 -5.61
C SER A 247 1.64 50.23 -6.70
N LEU A 248 0.34 49.97 -6.75
CA LEU A 248 -0.44 50.63 -7.78
C LEU A 248 -1.11 51.91 -7.27
N LYS A 327 5.73 51.40 -14.52
CA LYS A 327 6.20 50.23 -13.79
C LYS A 327 5.11 49.59 -12.94
N LYS A 328 5.48 48.45 -12.36
CA LYS A 328 4.64 47.64 -11.46
C LYS A 328 5.67 46.67 -10.88
N PRO A 329 5.65 46.43 -9.55
CA PRO A 329 6.61 45.52 -8.90
C PRO A 329 6.67 44.14 -9.54
N VAL A 330 5.51 43.49 -9.62
CA VAL A 330 5.33 42.16 -10.19
C VAL A 330 6.56 41.25 -10.15
N ILE A 331 7.58 41.52 -10.98
CA ILE A 331 8.80 40.68 -11.01
C ILE A 331 9.11 40.15 -9.59
N LYS A 332 8.60 40.84 -8.56
CA LYS A 332 8.82 40.42 -7.17
C LYS A 332 8.19 39.07 -6.83
N PRO A 333 9.03 38.04 -6.71
CA PRO A 333 8.62 36.69 -6.37
C PRO A 333 8.82 36.44 -4.88
N LEU A 334 7.73 36.52 -4.13
CA LEU A 334 7.74 36.29 -2.68
C LEU A 334 8.85 35.32 -2.23
N THR A 335 9.89 35.83 -1.57
CA THR A 335 11.04 35.02 -1.12
C THR A 335 10.89 34.24 0.18
N GLU A 336 9.97 34.65 1.03
CA GLU A 336 9.77 33.95 2.28
C GLU A 336 8.30 33.78 2.57
N ASP A 337 7.91 34.18 3.77
CA ASP A 337 6.53 34.08 4.24
C ASP A 337 6.52 34.52 5.70
N SER A 338 5.37 34.41 6.35
CA SER A 338 5.31 34.76 7.75
C SER A 338 6.40 33.89 8.37
N LYS A 339 6.67 34.06 9.65
CA LYS A 339 7.71 33.26 10.30
C LYS A 339 8.97 33.03 9.46
N LYS A 340 9.16 33.90 8.48
CA LYS A 340 10.31 33.91 7.56
C LYS A 340 11.08 32.61 7.23
N ARG A 341 10.54 31.84 6.28
CA ARG A 341 11.15 30.61 5.79
C ARG A 341 11.49 30.92 4.35
N SER A 342 12.66 30.51 3.87
CA SER A 342 13.02 30.81 2.48
C SER A 342 12.43 29.79 1.52
N TYR A 343 11.98 30.25 0.37
CA TYR A 343 11.43 29.35 -0.63
C TYR A 343 12.55 28.94 -1.56
N ASN A 344 13.74 28.76 -1.00
CA ASN A 344 14.90 28.34 -1.78
C ASN A 344 14.81 28.68 -3.29
N LEU A 345 14.84 29.96 -3.66
CA LEU A 345 14.79 30.32 -5.08
C LEU A 345 16.16 30.11 -5.69
N ILE A 346 16.22 29.52 -6.89
CA ILE A 346 17.52 29.23 -7.49
C ILE A 346 18.51 30.41 -7.51
N SER A 347 18.04 31.60 -7.85
CA SER A 347 18.89 32.79 -7.88
C SER A 347 18.04 34.01 -7.63
N ASN A 348 18.70 35.13 -7.32
CA ASN A 348 18.02 36.40 -7.05
C ASN A 348 17.16 36.86 -8.24
N ASP A 349 17.32 36.20 -9.37
CA ASP A 349 16.60 36.53 -10.60
C ASP A 349 15.40 35.63 -10.90
N SER A 350 15.70 34.37 -11.25
CA SER A 350 14.68 33.38 -11.61
C SER A 350 13.39 33.37 -10.81
N THR A 351 12.31 33.09 -11.53
CA THR A 351 10.97 33.03 -10.98
C THR A 351 10.70 31.62 -10.43
N PHE A 352 11.57 30.68 -10.77
CA PHE A 352 11.45 29.30 -10.33
C PHE A 352 12.11 29.06 -8.98
N THR A 353 11.59 28.09 -8.22
CA THR A 353 12.16 27.73 -6.93
C THR A 353 12.93 26.42 -7.11
N GLN A 354 13.75 26.08 -6.14
CA GLN A 354 14.53 24.84 -6.23
C GLN A 354 13.69 23.60 -5.95
N TYR A 355 12.44 23.81 -5.57
CA TYR A 355 11.53 22.71 -5.28
C TYR A 355 11.04 22.05 -6.56
N ARG A 356 11.35 20.77 -6.75
CA ARG A 356 10.91 20.03 -7.94
C ARG A 356 9.73 19.09 -7.61
N SER A 357 8.70 19.14 -8.46
CA SER A 357 7.49 18.32 -8.30
C SER A 357 7.35 17.23 -9.34
N TRP A 358 7.04 16.02 -8.89
CA TRP A 358 6.87 14.95 -9.84
C TRP A 358 5.75 15.31 -10.81
N TYR A 359 4.55 15.46 -10.26
CA TYR A 359 3.40 15.77 -11.07
C TYR A 359 3.67 16.78 -12.17
N LEU A 360 4.58 17.71 -11.93
CA LEU A 360 4.88 18.70 -12.95
C LEU A 360 5.68 18.07 -14.07
N ALA A 361 6.78 17.43 -13.69
CA ALA A 361 7.63 16.79 -14.66
C ALA A 361 6.86 15.87 -15.59
N TYR A 362 5.87 15.16 -15.03
CA TYR A 362 5.10 14.25 -15.82
C TYR A 362 4.37 14.90 -16.99
N ASN A 363 3.48 15.86 -16.70
CA ASN A 363 2.75 16.49 -17.79
C ASN A 363 3.22 17.89 -18.19
N TYR A 364 4.20 18.45 -17.49
CA TYR A 364 4.68 19.77 -17.86
C TYR A 364 6.12 19.76 -18.39
N GLY A 365 6.79 18.63 -18.26
CA GLY A 365 8.17 18.52 -18.72
C GLY A 365 8.33 17.80 -20.04
N ASP A 366 9.56 17.78 -20.56
CA ASP A 366 9.85 17.12 -21.83
C ASP A 366 9.27 15.70 -21.86
N PRO A 367 8.24 15.47 -22.69
CA PRO A 367 7.63 14.14 -22.78
C PRO A 367 8.57 13.05 -23.27
N GLN A 368 9.53 13.41 -24.12
CA GLN A 368 10.47 12.42 -24.64
C GLN A 368 11.62 12.02 -23.70
N THR A 369 12.08 12.94 -22.84
CA THR A 369 13.19 12.62 -21.93
C THR A 369 12.89 12.81 -20.45
N GLY A 370 11.81 13.52 -20.16
CA GLY A 370 11.44 13.76 -18.77
C GLY A 370 11.10 12.52 -17.98
N ILE A 371 10.28 12.67 -16.96
CA ILE A 371 9.93 11.50 -16.19
C ILE A 371 8.77 10.79 -16.86
N ARG A 372 7.93 11.51 -17.58
CA ARG A 372 6.80 10.86 -18.23
C ARG A 372 7.29 9.76 -19.16
N SER A 373 8.60 9.73 -19.40
CA SER A 373 9.18 8.74 -20.28
C SER A 373 9.25 7.35 -19.66
N TRP A 374 9.46 7.28 -18.35
CA TRP A 374 9.58 5.99 -17.71
C TRP A 374 8.75 5.74 -16.47
N THR A 375 7.73 6.55 -16.24
CA THR A 375 6.88 6.33 -15.08
C THR A 375 5.48 6.59 -15.58
N LEU A 376 4.47 6.09 -14.88
CA LEU A 376 3.11 6.29 -15.35
C LEU A 376 2.19 6.86 -14.31
N LEU A 377 1.40 7.87 -14.70
CA LEU A 377 0.46 8.49 -13.78
C LEU A 377 -0.76 7.60 -13.69
N CYS A 378 -1.01 7.04 -12.51
CA CYS A 378 -2.15 6.14 -12.35
C CYS A 378 -3.07 6.43 -11.21
N THR A 379 -4.23 5.80 -11.29
CA THR A 379 -5.23 5.93 -10.26
C THR A 379 -4.63 5.38 -8.99
N PRO A 380 -4.83 6.07 -7.89
CA PRO A 380 -4.31 5.67 -6.58
C PRO A 380 -4.47 4.21 -6.18
N ASP A 381 -5.61 3.86 -5.58
CA ASP A 381 -5.85 2.50 -5.08
C ASP A 381 -5.14 2.31 -3.75
N VAL A 382 -5.91 2.28 -2.67
CA VAL A 382 -5.31 2.13 -1.37
C VAL A 382 -4.81 0.74 -1.06
N THR A 383 -5.52 -0.28 -1.54
CA THR A 383 -5.13 -1.67 -1.28
C THR A 383 -3.65 -1.90 -1.58
N CYS A 384 -3.09 -0.98 -2.35
CA CYS A 384 -1.69 -1.04 -2.72
C CYS A 384 -1.38 -2.06 -3.79
N GLY A 385 -2.40 -2.79 -4.21
CA GLY A 385 -2.15 -3.76 -5.26
C GLY A 385 -2.83 -5.10 -5.06
N SER A 386 -3.83 -5.34 -5.88
CA SER A 386 -4.57 -6.58 -5.83
C SER A 386 -3.61 -7.74 -5.92
N GLU A 387 -3.42 -8.47 -4.81
CA GLU A 387 -2.55 -9.63 -4.83
C GLU A 387 -3.40 -10.87 -4.71
N GLN A 388 -2.86 -12.00 -5.18
CA GLN A 388 -3.63 -13.24 -5.13
C GLN A 388 -3.11 -14.22 -4.14
N VAL A 389 -3.99 -15.14 -3.75
CA VAL A 389 -3.65 -16.17 -2.78
C VAL A 389 -3.93 -17.49 -3.43
N TYR A 390 -3.13 -18.50 -3.10
CA TYR A 390 -3.31 -19.80 -3.69
C TYR A 390 -3.74 -20.80 -2.62
N TRP A 391 -4.68 -21.70 -2.97
CA TRP A 391 -5.15 -22.72 -2.04
C TRP A 391 -4.40 -24.03 -2.32
N SER A 392 -4.51 -24.97 -1.40
CA SER A 392 -3.85 -26.26 -1.56
C SER A 392 -4.44 -27.25 -0.58
N LEU A 393 -4.80 -28.43 -1.06
CA LEU A 393 -5.39 -29.42 -0.19
C LEU A 393 -4.65 -30.72 -0.35
N PRO A 394 -3.33 -30.66 -0.29
CA PRO A 394 -2.32 -31.69 -0.42
C PRO A 394 -2.78 -33.08 -0.17
N ASP A 395 -3.62 -33.25 0.84
CA ASP A 395 -4.07 -34.59 1.17
C ASP A 395 -5.38 -35.01 0.55
N MET A 396 -5.95 -34.19 -0.31
CA MET A 396 -7.23 -34.51 -0.90
C MET A 396 -7.38 -34.36 -2.39
N MET A 397 -6.58 -33.51 -3.03
CA MET A 397 -6.69 -33.37 -4.48
C MET A 397 -5.44 -33.91 -5.10
N GLN A 398 -5.53 -34.29 -6.38
CA GLN A 398 -4.36 -34.80 -7.05
C GLN A 398 -3.54 -33.58 -7.39
N ASP A 399 -2.24 -33.77 -7.50
CA ASP A 399 -1.39 -32.65 -7.77
C ASP A 399 -1.39 -32.22 -9.22
N PRO A 400 -1.96 -31.06 -9.50
CA PRO A 400 -2.11 -30.39 -10.79
C PRO A 400 -0.92 -30.47 -11.72
N VAL A 401 -1.21 -30.92 -12.93
CA VAL A 401 -0.22 -31.10 -13.98
C VAL A 401 1.22 -31.18 -13.58
N THR A 402 1.84 -30.02 -13.41
CA THR A 402 3.25 -30.04 -13.14
C THR A 402 3.78 -29.87 -11.75
N PHE A 403 2.93 -29.75 -10.76
CA PHE A 403 3.45 -29.59 -9.42
C PHE A 403 3.87 -30.95 -8.98
N ARG A 404 4.86 -30.98 -8.08
CA ARG A 404 5.29 -32.26 -7.58
C ARG A 404 4.87 -32.23 -6.13
N SER A 405 4.52 -33.39 -5.60
CA SER A 405 4.09 -33.50 -4.22
C SER A 405 5.25 -33.41 -3.28
N THR A 406 5.06 -32.62 -2.22
CA THR A 406 6.10 -32.47 -1.23
C THR A 406 5.45 -32.28 0.12
N SER A 407 6.27 -31.96 1.11
CA SER A 407 5.78 -31.76 2.48
C SER A 407 6.23 -30.43 2.99
N GLN A 408 6.76 -29.62 2.10
CA GLN A 408 7.23 -28.30 2.44
C GLN A 408 6.09 -27.27 2.27
N ILE A 409 5.38 -27.01 3.37
CA ILE A 409 4.27 -26.05 3.39
C ILE A 409 4.34 -24.93 2.37
N SER A 410 5.54 -24.47 2.06
CA SER A 410 5.68 -23.38 1.11
C SER A 410 5.91 -23.84 -0.32
N ASN A 411 5.39 -25.01 -0.67
CA ASN A 411 5.56 -25.51 -2.04
C ASN A 411 4.47 -26.51 -2.37
N PHE A 412 3.51 -26.66 -1.47
CA PHE A 412 2.41 -27.58 -1.71
C PHE A 412 1.86 -27.31 -3.09
N PRO A 413 1.18 -28.28 -3.66
CA PRO A 413 0.62 -28.07 -4.99
C PRO A 413 -0.53 -27.08 -4.82
N VAL A 414 -0.84 -26.35 -5.88
CA VAL A 414 -1.93 -25.38 -5.82
C VAL A 414 -3.15 -25.93 -6.54
N VAL A 415 -4.32 -25.63 -6.03
CA VAL A 415 -5.50 -26.15 -6.67
C VAL A 415 -6.45 -25.05 -7.02
N GLY A 416 -6.20 -23.86 -6.51
CA GLY A 416 -7.10 -22.77 -6.82
C GLY A 416 -6.46 -21.45 -6.50
N ALA A 417 -6.71 -20.46 -7.35
CA ALA A 417 -6.15 -19.14 -7.16
C ALA A 417 -7.31 -18.21 -7.01
N GLU A 418 -7.11 -17.14 -6.26
CA GLU A 418 -8.19 -16.23 -6.01
C GLU A 418 -7.60 -14.95 -5.50
N LEU A 419 -8.19 -13.84 -5.88
CA LEU A 419 -7.68 -12.56 -5.47
C LEU A 419 -7.91 -12.41 -3.97
N LEU A 420 -6.95 -11.80 -3.27
CA LEU A 420 -7.06 -11.59 -1.83
C LEU A 420 -8.13 -10.55 -1.53
N PRO A 421 -9.23 -10.96 -0.88
CA PRO A 421 -10.43 -10.23 -0.48
C PRO A 421 -10.31 -8.80 0.02
N VAL A 422 -10.00 -7.85 -0.85
CA VAL A 422 -9.89 -6.47 -0.41
C VAL A 422 -10.34 -5.55 -1.53
N HIS A 423 -11.24 -4.62 -1.23
CA HIS A 423 -11.73 -3.70 -2.25
C HIS A 423 -11.49 -2.23 -1.93
N SER A 424 -11.67 -1.38 -2.93
CA SER A 424 -11.48 0.06 -2.74
C SER A 424 -12.82 0.74 -2.72
N LYS A 425 -13.37 1.01 -1.53
CA LYS A 425 -14.65 1.70 -1.45
C LYS A 425 -14.33 3.17 -1.63
N SER A 426 -15.16 3.86 -2.40
CA SER A 426 -14.92 5.27 -2.64
C SER A 426 -16.01 6.14 -2.06
N PHE A 427 -15.61 7.24 -1.43
CA PHE A 427 -16.57 8.15 -0.84
C PHE A 427 -16.41 9.58 -1.31
N TYR A 428 -17.35 10.41 -0.89
CA TYR A 428 -17.32 11.82 -1.25
C TYR A 428 -17.30 12.67 0.00
N ASN A 429 -16.30 13.53 0.11
CA ASN A 429 -16.19 14.40 1.27
C ASN A 429 -15.88 15.79 0.78
N ASP A 430 -16.87 16.49 0.24
CA ASP A 430 -16.61 17.86 -0.23
C ASP A 430 -16.15 18.61 0.99
N GLN A 431 -16.28 17.91 2.11
CA GLN A 431 -15.88 18.38 3.39
C GLN A 431 -14.37 18.47 3.45
N ALA A 432 -13.68 17.93 2.46
CA ALA A 432 -12.22 17.96 2.37
C ALA A 432 -11.78 19.38 2.08
N VAL A 433 -10.75 19.81 2.80
CA VAL A 433 -10.19 21.15 2.67
C VAL A 433 -11.19 22.21 3.15
N TYR A 434 -12.40 21.78 3.51
CA TYR A 434 -13.29 22.80 4.08
C TYR A 434 -13.18 22.16 5.48
N SER A 435 -12.85 20.86 5.48
CA SER A 435 -12.67 20.01 6.61
C SER A 435 -11.21 20.15 7.04
N GLN A 436 -10.21 20.08 6.15
CA GLN A 436 -8.82 20.25 6.61
C GLN A 436 -8.83 21.53 7.46
N LEU A 437 -9.54 22.53 6.95
CA LEU A 437 -9.72 23.84 7.57
C LEU A 437 -10.38 23.63 8.94
N ILE A 438 -11.43 22.81 8.98
CA ILE A 438 -12.13 22.53 10.23
C ILE A 438 -11.51 21.33 10.93
N ARG A 439 -10.98 20.39 10.16
CA ARG A 439 -10.36 19.22 10.73
C ARG A 439 -9.26 19.64 11.71
N GLN A 440 -8.50 20.68 11.36
CA GLN A 440 -7.41 21.18 12.21
C GLN A 440 -7.85 21.65 13.61
N PHE A 441 -9.08 22.19 13.68
CA PHE A 441 -9.64 22.65 14.96
C PHE A 441 -10.26 21.44 15.69
N THR A 442 -10.80 20.52 14.88
CA THR A 442 -11.43 19.27 15.34
C THR A 442 -10.37 18.44 16.07
N SER A 443 -9.21 18.28 15.42
CA SER A 443 -8.04 17.59 16.00
C SER A 443 -7.41 18.73 16.81
N LEU A 444 -7.27 18.55 18.12
CA LEU A 444 -6.73 19.64 18.92
C LEU A 444 -5.30 20.10 18.58
N THR A 445 -4.71 19.51 17.52
CA THR A 445 -3.34 19.84 17.08
C THR A 445 -3.08 19.95 15.56
N HIS A 446 -2.14 20.82 15.23
CA HIS A 446 -1.75 21.03 13.84
C HIS A 446 -0.54 20.10 13.61
N VAL A 447 -0.65 18.88 14.14
CA VAL A 447 0.42 17.89 14.03
C VAL A 447 0.87 17.64 12.61
N PHE A 448 -0.09 17.60 11.70
CA PHE A 448 0.27 17.35 10.32
C PHE A 448 0.58 18.64 9.58
N ASN A 449 0.01 19.73 10.06
CA ASN A 449 0.23 21.00 9.37
C ASN A 449 1.27 21.93 9.95
N ARG A 450 2.14 21.40 10.82
CA ARG A 450 3.19 22.19 11.43
C ARG A 450 3.66 23.49 10.76
N PHE A 451 3.60 23.59 9.44
CA PHE A 451 4.09 24.80 8.76
C PHE A 451 2.99 25.54 8.00
N PRO A 452 1.87 25.82 8.66
CA PRO A 452 0.72 26.51 8.07
C PRO A 452 0.93 27.82 7.33
N GLU A 453 2.16 28.13 6.97
CA GLU A 453 2.36 29.38 6.27
C GLU A 453 3.06 29.06 4.97
N ASN A 454 4.14 28.31 5.08
CA ASN A 454 4.91 27.93 3.92
C ASN A 454 3.99 27.28 2.89
N GLN A 455 3.83 27.92 1.74
CA GLN A 455 2.96 27.39 0.69
C GLN A 455 3.35 25.99 0.22
N ILE A 456 4.59 25.58 0.47
CA ILE A 456 5.00 24.25 0.09
C ILE A 456 4.74 23.32 1.27
N LEU A 457 5.64 23.31 2.24
CA LEU A 457 5.51 22.47 3.42
C LEU A 457 4.12 22.44 4.07
N ALA A 458 3.18 23.21 3.55
CA ALA A 458 1.82 23.23 4.10
C ALA A 458 1.26 21.82 4.06
N ARG A 459 0.06 21.64 4.60
CA ARG A 459 -0.56 20.32 4.59
C ARG A 459 -1.37 20.14 3.31
N PRO A 460 -0.98 19.14 2.49
CA PRO A 460 -1.67 18.89 1.23
C PRO A 460 -3.17 18.89 1.40
N PRO A 461 -3.87 19.34 0.37
CA PRO A 461 -5.32 19.41 0.39
C PRO A 461 -5.88 18.01 0.41
N ALA A 462 -6.98 17.82 1.10
CA ALA A 462 -7.62 16.52 1.12
C ALA A 462 -8.38 16.46 -0.20
N PRO A 463 -8.27 15.36 -0.94
CA PRO A 463 -8.98 15.28 -2.22
C PRO A 463 -10.41 14.85 -2.00
N THR A 464 -11.32 15.34 -2.84
CA THR A 464 -12.71 14.92 -2.73
C THR A 464 -12.60 13.50 -3.23
N ILE A 465 -13.34 12.57 -2.64
CA ILE A 465 -13.27 11.18 -3.05
C ILE A 465 -12.09 10.45 -2.43
N THR A 466 -12.25 10.04 -1.18
CA THR A 466 -11.20 9.31 -0.50
C THR A 466 -11.47 7.85 -0.77
N THR A 467 -10.44 7.04 -0.66
CA THR A 467 -10.58 5.62 -0.89
C THR A 467 -10.20 4.95 0.40
N VAL A 468 -10.72 3.75 0.65
CA VAL A 468 -10.40 3.04 1.88
C VAL A 468 -10.43 1.57 1.63
N SER A 469 -9.34 0.86 1.97
CA SER A 469 -9.35 -0.58 1.75
C SER A 469 -10.42 -1.12 2.67
N GLU A 470 -11.20 -2.05 2.16
CA GLU A 470 -12.27 -2.63 2.93
C GLU A 470 -12.25 -4.13 2.72
N ASN A 471 -12.29 -4.88 3.81
CA ASN A 471 -12.29 -6.34 3.73
C ASN A 471 -13.67 -6.88 3.44
N VAL A 472 -13.75 -7.91 2.60
CA VAL A 472 -15.03 -8.48 2.26
C VAL A 472 -14.97 -9.98 2.07
N PRO A 473 -15.97 -10.72 2.61
CA PRO A 473 -15.96 -12.16 2.46
C PRO A 473 -16.06 -12.45 0.98
N ALA A 474 -15.37 -13.49 0.55
CA ALA A 474 -15.37 -13.84 -0.86
C ALA A 474 -15.87 -15.26 -1.11
N LEU A 475 -17.08 -15.34 -1.65
CA LEU A 475 -17.70 -16.61 -1.97
C LEU A 475 -17.23 -16.96 -3.37
N THR A 476 -16.03 -17.52 -3.43
CA THR A 476 -15.43 -17.89 -4.68
C THR A 476 -15.83 -19.31 -5.10
N ASP A 477 -15.45 -19.71 -6.31
CA ASP A 477 -15.79 -21.04 -6.81
C ASP A 477 -14.76 -21.56 -7.79
N HIS A 478 -14.01 -22.56 -7.37
CA HIS A 478 -12.99 -23.15 -8.22
C HIS A 478 -13.66 -24.25 -8.97
N GLY A 479 -12.99 -24.82 -9.95
CA GLY A 479 -13.68 -25.85 -10.71
C GLY A 479 -13.62 -27.23 -10.09
N THR A 480 -14.07 -28.23 -10.83
CA THR A 480 -13.99 -29.60 -10.36
C THR A 480 -12.50 -29.93 -10.47
N LEU A 481 -11.96 -30.58 -9.43
CA LEU A 481 -10.55 -30.95 -9.43
C LEU A 481 -10.47 -32.43 -9.16
N PRO A 482 -9.43 -33.10 -9.67
CA PRO A 482 -9.31 -34.53 -9.43
C PRO A 482 -9.11 -34.83 -7.95
N LEU A 483 -9.63 -35.97 -7.49
CA LEU A 483 -9.50 -36.37 -6.09
C LEU A 483 -8.72 -37.67 -5.95
N ARG A 484 -8.28 -37.98 -4.75
CA ARG A 484 -7.59 -39.25 -4.53
C ARG A 484 -8.72 -40.19 -4.20
N ASN A 485 -8.61 -41.46 -4.56
CA ASN A 485 -9.72 -42.35 -4.28
C ASN A 485 -9.79 -42.78 -2.83
N SER A 486 -8.92 -42.22 -2.00
CA SER A 486 -8.90 -42.58 -0.60
C SER A 486 -8.59 -41.33 0.16
N ILE A 487 -9.63 -40.70 0.67
CA ILE A 487 -9.47 -39.47 1.40
C ILE A 487 -9.21 -39.66 2.89
N GLY A 488 -8.05 -39.17 3.32
CA GLY A 488 -7.66 -39.30 4.70
C GLY A 488 -8.60 -38.64 5.70
N GLY A 489 -8.61 -39.18 6.91
CA GLY A 489 -9.47 -38.64 7.93
C GLY A 489 -9.14 -37.19 8.22
N VAL A 490 -7.87 -36.84 8.20
CA VAL A 490 -7.51 -35.46 8.48
C VAL A 490 -6.87 -34.86 7.26
N GLN A 491 -7.46 -33.77 6.81
CA GLN A 491 -6.97 -33.09 5.64
C GLN A 491 -6.27 -31.85 6.09
N ARG A 492 -5.32 -31.40 5.31
CA ARG A 492 -4.58 -30.19 5.64
C ARG A 492 -4.98 -29.12 4.65
N VAL A 493 -5.44 -27.98 5.16
CA VAL A 493 -5.84 -26.86 4.31
C VAL A 493 -4.77 -25.78 4.40
N THR A 494 -4.49 -25.13 3.28
CA THR A 494 -3.44 -24.10 3.27
C THR A 494 -3.58 -22.99 2.25
N ILE A 495 -3.74 -21.78 2.75
CA ILE A 495 -3.85 -20.63 1.88
C ILE A 495 -2.53 -19.90 1.91
N THR A 496 -1.95 -19.71 0.74
CA THR A 496 -0.66 -19.05 0.63
C THR A 496 -0.78 -17.77 -0.16
N ASP A 497 0.28 -16.97 -0.17
CA ASP A 497 0.22 -15.72 -0.91
C ASP A 497 1.18 -15.75 -2.07
N ALA A 498 1.21 -14.66 -2.81
CA ALA A 498 2.08 -14.56 -3.97
C ALA A 498 3.49 -15.13 -3.76
N ARG A 499 4.11 -14.81 -2.65
CA ARG A 499 5.47 -15.26 -2.36
C ARG A 499 5.50 -16.62 -1.69
N ARG A 500 4.34 -17.19 -1.48
CA ARG A 500 4.23 -18.49 -0.85
C ARG A 500 4.57 -18.50 0.61
N ARG A 501 3.60 -18.08 1.41
CA ARG A 501 3.76 -18.04 2.85
C ARG A 501 2.39 -17.81 3.43
N THR A 502 2.08 -18.47 4.54
CA THR A 502 0.78 -18.30 5.13
C THR A 502 0.49 -16.81 5.24
N CYS A 503 -0.79 -16.47 5.30
CA CYS A 503 -1.19 -15.08 5.41
C CYS A 503 -1.92 -14.88 6.72
N PRO A 504 -1.26 -14.24 7.68
CA PRO A 504 -1.77 -13.95 9.02
C PRO A 504 -3.13 -13.33 9.09
N TYR A 505 -3.51 -12.60 8.05
CA TYR A 505 -4.78 -11.92 8.08
C TYR A 505 -6.05 -12.68 7.71
N VAL A 506 -6.02 -14.00 7.79
CA VAL A 506 -7.22 -14.74 7.46
C VAL A 506 -8.03 -15.06 8.70
N TYR A 507 -9.29 -14.66 8.71
CA TYR A 507 -10.12 -14.93 9.86
C TYR A 507 -10.97 -16.17 9.62
N LYS A 508 -11.40 -16.39 8.39
CA LYS A 508 -12.22 -17.55 8.14
C LYS A 508 -11.95 -18.13 6.78
N ALA A 509 -11.73 -19.42 6.76
CA ALA A 509 -11.47 -20.12 5.51
C ALA A 509 -12.14 -21.45 5.68
N LEU A 510 -12.86 -21.88 4.66
CA LEU A 510 -13.50 -23.17 4.72
C LEU A 510 -14.02 -23.48 3.34
N GLY A 511 -14.06 -24.77 3.01
CA GLY A 511 -14.52 -25.12 1.70
C GLY A 511 -15.40 -26.34 1.70
N ILE A 512 -16.15 -26.47 0.63
CA ILE A 512 -17.08 -27.58 0.47
C ILE A 512 -16.70 -28.33 -0.81
N VAL A 513 -16.49 -29.63 -0.68
CA VAL A 513 -16.14 -30.43 -1.84
C VAL A 513 -17.22 -31.43 -2.14
N SER A 514 -17.56 -31.54 -3.41
CA SER A 514 -18.62 -32.43 -3.85
C SER A 514 -18.09 -33.36 -4.93
N PRO A 515 -17.62 -34.53 -4.54
CA PRO A 515 -17.08 -35.49 -5.50
C PRO A 515 -18.08 -36.07 -6.48
N ARG A 516 -17.58 -36.51 -7.62
CA ARG A 516 -18.40 -37.12 -8.65
C ARG A 516 -17.53 -37.77 -9.69
N VAL A 517 -18.06 -38.82 -10.32
CA VAL A 517 -17.32 -39.60 -11.32
C VAL A 517 -16.85 -38.85 -12.55
N LEU A 518 -15.77 -39.31 -13.15
CA LEU A 518 -15.25 -38.67 -14.33
C LEU A 518 -14.91 -39.63 -15.45
N SER A 519 -14.65 -40.89 -15.13
CA SER A 519 -14.32 -41.91 -16.13
C SER A 519 -13.90 -43.14 -15.36
N SER A 520 -13.62 -44.25 -16.05
CA SER A 520 -13.21 -45.42 -15.28
C SER A 520 -11.83 -45.98 -15.63
N ARG A 521 -11.32 -46.88 -14.80
CA ARG A 521 -10.03 -47.50 -15.02
C ARG A 521 -10.15 -48.84 -15.76
N THR B 10 17.13 28.74 21.61
CA THR B 10 17.56 28.11 20.36
C THR B 10 16.99 26.69 20.20
N PHE B 11 15.70 26.53 20.54
CA PHE B 11 15.04 25.24 20.37
C PHE B 11 13.81 25.39 19.48
N ASN B 12 13.76 24.65 18.38
CA ASN B 12 12.62 24.72 17.47
C ASN B 12 11.64 23.59 17.82
N PRO B 13 10.48 23.95 18.43
CA PRO B 13 9.44 23.00 18.82
C PRO B 13 8.77 22.47 17.56
N VAL B 14 8.97 23.22 16.48
CA VAL B 14 8.42 22.89 15.18
C VAL B 14 6.92 22.70 15.37
N TYR B 15 6.27 23.79 15.74
CA TYR B 15 4.83 23.79 15.95
C TYR B 15 4.39 25.23 16.12
N PRO B 16 3.48 25.69 15.25
CA PRO B 16 2.95 27.05 15.30
C PRO B 16 1.95 27.21 16.47
N TYR B 17 2.47 27.50 17.67
CA TYR B 17 1.62 27.66 18.86
C TYR B 17 0.65 28.84 18.67
N ASP B 18 1.09 29.86 17.94
CA ASP B 18 0.23 31.02 17.65
C ASP B 18 -0.65 30.56 16.45
N THR B 19 -1.89 30.17 16.77
CA THR B 19 -2.91 29.70 15.82
C THR B 19 -2.86 28.18 15.70
C1 C15 C . 15.31 3.99 -13.47
C2 C15 C . 16.17 5.24 -13.68
C3 C15 C . 16.13 5.77 -15.12
C5 C15 C . 28.58 13.85 -14.43
C6 C15 C . 29.17 12.49 -14.07
C7 C15 C . 28.06 11.47 -13.53
C8 C15 C . 28.35 10.03 -13.78
N1 C15 C . 17.34 6.51 -15.49
C9 C15 C . 27.14 9.12 -13.21
C10 C15 C . 26.29 8.30 -14.39
C11 C15 C . 24.82 7.81 -14.00
C12 C15 C . 23.51 8.27 -14.88
C13 C15 C . 22.17 7.45 -14.55
C14 C15 C . 20.73 7.71 -15.23
C15 C15 C . 19.75 6.51 -14.85
C16 C15 C . 18.32 6.88 -14.45
S1 C15 C . 15.28 3.26 -11.80
O1S C15 C . 14.62 2.00 -11.96
O2S C15 C . 16.56 2.99 -11.26
O3S C15 C . 14.25 4.17 -10.70
C1 C15 D . 22.59 7.71 -4.49
C2 C15 D . 23.17 8.35 -5.78
C3 C15 D . 22.12 9.25 -6.49
C5 C15 D . 26.12 9.92 -20.92
C6 C15 D . 26.78 10.97 -20.08
C7 C15 D . 26.11 10.90 -18.69
C8 C15 D . 26.88 11.37 -17.43
N1 C15 D . 21.89 8.85 -7.88
C9 C15 D . 25.86 11.09 -16.26
C10 C15 D . 24.87 12.16 -15.84
C11 C15 D . 24.89 12.35 -14.26
C12 C15 D . 24.22 11.26 -13.41
C13 C15 D . 24.71 11.05 -11.90
C14 C15 D . 23.96 9.82 -11.10
C15 C15 D . 23.80 9.89 -9.45
C16 C15 D . 22.27 9.72 -9.02
S1 C15 D . 23.60 6.62 -3.42
O1S C15 D . 22.63 5.90 -2.63
O2S C15 D . 24.34 5.62 -4.12
O3S C15 D . 24.52 7.55 -2.23
#